data_6YIG
#
_entry.id   6YIG
#
_cell.length_a   35.510
_cell.length_b   38.620
_cell.length_c   63.520
_cell.angle_alpha   90.000
_cell.angle_beta   90.000
_cell.angle_gamma   90.000
#
_symmetry.space_group_name_H-M   'P 21 21 21'
#
loop_
_entity.id
_entity.type
_entity.pdbx_description
1 polymer 'Calcium-binding EF hand family protein'
2 non-polymer 'CALCIUM ION'
3 non-polymer 'SODIUM ION'
4 water water
#
_entity_poly.entity_id   1
_entity_poly.type   'polypeptide(L)'
_entity_poly.pdbx_seq_one_letter_code
;GGMAGQNPNMDQFEAYFKRADLDGDGRISGAEAVGFFQGSGLSKQVLAQIWSLSDRSHSGFLDRQNFYNSLRLVTVAQSK
RDLTPEIVNAALNTPAAAKIPPPKINLSA
;
_entity_poly.pdbx_strand_id   A
#
loop_
_chem_comp.id
_chem_comp.type
_chem_comp.name
_chem_comp.formula
CA non-polymer 'CALCIUM ION' 'Ca 2'
NA non-polymer 'SODIUM ION' 'Na 1'
#
# COMPACT_ATOMS: atom_id res chain seq x y z
N ASN A 7 21.28 -9.99 -2.80
CA ASN A 7 20.78 -9.08 -1.73
C ASN A 7 19.67 -9.78 -0.95
N PRO A 8 19.93 -10.82 -0.11
CA PRO A 8 18.88 -11.49 0.64
C PRO A 8 18.07 -10.59 1.59
N ASN A 9 18.67 -9.55 2.12
CA ASN A 9 17.97 -8.65 3.03
C ASN A 9 17.47 -7.38 2.35
N MET A 10 17.38 -7.40 1.02
CA MET A 10 16.93 -6.22 0.27
C MET A 10 15.60 -5.70 0.82
N ASP A 11 15.48 -4.38 0.85
CA ASP A 11 14.27 -3.69 1.32
C ASP A 11 13.23 -3.74 0.23
N GLN A 12 12.25 -4.62 0.40
CA GLN A 12 11.23 -4.83 -0.62
C GLN A 12 10.22 -3.70 -0.67
N PHE A 13 9.94 -3.07 0.48
CA PHE A 13 9.07 -1.90 0.47
C PHE A 13 9.69 -0.81 -0.40
N GLU A 14 10.97 -0.52 -0.18
CA GLU A 14 11.64 0.49 -0.99
C GLU A 14 11.68 0.10 -2.46
N ALA A 15 11.94 -1.18 -2.75
CA ALA A 15 11.99 -1.61 -4.14
C ALA A 15 10.64 -1.40 -4.82
N TYR A 16 9.55 -1.70 -4.12
CA TYR A 16 8.23 -1.46 -4.68
C TYR A 16 7.97 0.03 -4.88
N PHE A 17 8.37 0.86 -3.92
CA PHE A 17 8.21 2.31 -4.05
C PHE A 17 8.92 2.83 -5.29
N LYS A 18 10.16 2.38 -5.50
CA LYS A 18 10.92 2.80 -6.68
C LYS A 18 10.28 2.30 -7.96
N ARG A 19 9.71 1.08 -7.97
CA ARG A 19 9.05 0.59 -9.17
C ARG A 19 7.75 1.36 -9.44
N ALA A 20 7.02 1.71 -8.39
CA ALA A 20 5.75 2.39 -8.57
C ALA A 20 5.92 3.84 -9.00
N ASP A 21 7.01 4.49 -8.62
CA ASP A 21 7.21 5.92 -8.84
C ASP A 21 7.78 6.15 -10.23
N LEU A 22 6.92 6.04 -11.23
CA LEU A 22 7.39 5.99 -12.61
C LEU A 22 8.12 7.26 -13.02
N ASP A 23 7.77 8.41 -12.46
CA ASP A 23 8.40 9.66 -12.85
C ASP A 23 9.50 10.09 -11.87
N GLY A 24 9.75 9.33 -10.83
CA GLY A 24 10.83 9.68 -9.92
C GLY A 24 10.63 10.94 -9.11
N ASP A 25 9.41 11.42 -8.97
CA ASP A 25 9.20 12.66 -8.23
C ASP A 25 9.09 12.42 -6.74
N GLY A 26 9.30 11.19 -6.29
CA GLY A 26 9.32 10.86 -4.87
C GLY A 26 7.97 10.73 -4.25
N ARG A 27 6.91 10.71 -5.06
CA ARG A 27 5.54 10.56 -4.62
C ARG A 27 4.84 9.54 -5.51
N ILE A 28 3.85 8.83 -4.96
CA ILE A 28 3.03 7.92 -5.76
C ILE A 28 1.71 8.63 -6.05
N SER A 29 1.50 8.96 -7.31
CA SER A 29 0.27 9.58 -7.75
C SER A 29 -0.85 8.55 -7.85
N GLY A 30 -2.08 9.06 -7.96
CA GLY A 30 -3.22 8.16 -8.16
C GLY A 30 -3.02 7.22 -9.34
N ALA A 31 -2.59 7.77 -10.48
CA ALA A 31 -2.40 6.94 -11.67
C ALA A 31 -1.30 5.91 -11.46
N GLU A 32 -0.23 6.31 -10.80
CA GLU A 32 0.85 5.38 -10.50
C GLU A 32 0.36 4.26 -9.61
N ALA A 33 -0.51 4.57 -8.64
CA ALA A 33 -1.05 3.54 -7.76
C ALA A 33 -1.99 2.62 -8.51
N VAL A 34 -2.84 3.16 -9.39
CA VAL A 34 -3.73 2.32 -10.17
C VAL A 34 -2.90 1.31 -10.95
N GLY A 35 -1.83 1.78 -11.60
CA GLY A 35 -1.06 0.90 -12.46
C GLY A 35 -0.31 -0.15 -11.67
N PHE A 36 0.29 0.27 -10.55
CA PHE A 36 1.09 -0.63 -9.73
C PHE A 36 0.23 -1.74 -9.14
N PHE A 37 -0.92 -1.38 -8.58
CA PHE A 37 -1.74 -2.36 -7.89
C PHE A 37 -2.57 -3.21 -8.81
N GLN A 38 -2.53 -2.97 -10.12
CA GLN A 38 -3.09 -3.95 -11.04
C GLN A 38 -2.38 -5.28 -10.91
N GLY A 39 -1.19 -5.31 -10.32
CA GLY A 39 -0.51 -6.56 -10.05
C GLY A 39 -0.81 -7.20 -8.71
N SER A 40 -1.79 -6.69 -7.96
CA SER A 40 -2.02 -7.15 -6.61
C SER A 40 -3.04 -8.27 -6.49
N GLY A 41 -3.86 -8.48 -7.52
CA GLY A 41 -4.91 -9.48 -7.41
C GLY A 41 -6.11 -9.11 -6.58
N LEU A 42 -6.18 -7.87 -6.11
CA LEU A 42 -7.26 -7.41 -5.27
C LEU A 42 -8.35 -6.71 -6.09
N SER A 43 -9.56 -6.69 -5.52
CA SER A 43 -10.67 -6.01 -6.14
C SER A 43 -10.47 -4.51 -6.18
N LYS A 44 -11.12 -3.87 -7.15
N LYS A 44 -11.12 -3.86 -7.15
CA LYS A 44 -11.07 -2.42 -7.23
CA LYS A 44 -11.05 -2.41 -7.20
C LYS A 44 -11.70 -1.78 -5.99
C LYS A 44 -11.68 -1.78 -5.97
N GLN A 45 -12.69 -2.43 -5.38
CA GLN A 45 -13.29 -1.89 -4.17
C GLN A 45 -12.29 -1.84 -3.03
N VAL A 46 -11.53 -2.93 -2.84
CA VAL A 46 -10.55 -2.97 -1.77
C VAL A 46 -9.44 -1.96 -2.04
N LEU A 47 -8.98 -1.88 -3.30
CA LEU A 47 -7.90 -0.95 -3.62
C LEU A 47 -8.34 0.49 -3.44
N ALA A 48 -9.60 0.81 -3.77
CA ALA A 48 -10.12 2.14 -3.49
C ALA A 48 -10.10 2.44 -2.00
N GLN A 49 -10.48 1.48 -1.16
N GLN A 49 -10.52 1.50 -1.16
CA GLN A 49 -10.48 1.71 0.28
CA GLN A 49 -10.47 1.74 0.27
C GLN A 49 -9.07 1.89 0.81
C GLN A 49 -9.04 1.98 0.71
N ILE A 50 -8.12 1.12 0.28
CA ILE A 50 -6.72 1.26 0.68
C ILE A 50 -6.17 2.61 0.27
N TRP A 51 -6.48 3.07 -0.94
CA TRP A 51 -6.02 4.38 -1.39
C TRP A 51 -6.56 5.47 -0.48
N SER A 52 -7.87 5.44 -0.22
N SER A 52 -7.86 5.44 -0.16
CA SER A 52 -8.50 6.44 0.65
CA SER A 52 -8.44 6.52 0.63
C SER A 52 -7.83 6.49 2.01
C SER A 52 -7.95 6.49 2.07
N LEU A 53 -7.55 5.33 2.59
CA LEU A 53 -6.98 5.26 3.92
C LEU A 53 -5.53 5.72 3.93
N SER A 54 -4.87 5.61 2.80
CA SER A 54 -3.43 5.86 2.72
C SER A 54 -3.10 7.30 2.40
N ASP A 55 -3.94 7.97 1.61
CA ASP A 55 -3.73 9.38 1.26
C ASP A 55 -4.25 10.20 2.44
N ARG A 56 -3.43 10.21 3.50
CA ARG A 56 -3.84 10.81 4.77
C ARG A 56 -4.06 12.31 4.62
N SER A 57 -3.24 12.98 3.80
CA SER A 57 -3.38 14.42 3.59
C SER A 57 -4.45 14.78 2.56
N HIS A 58 -5.03 13.80 1.89
CA HIS A 58 -6.03 14.02 0.84
C HIS A 58 -5.47 14.87 -0.30
N SER A 59 -4.19 14.71 -0.60
CA SER A 59 -3.53 15.51 -1.61
C SER A 59 -3.52 14.87 -2.99
N GLY A 60 -3.85 13.59 -3.09
CA GLY A 60 -3.76 12.88 -4.35
C GLY A 60 -2.44 12.19 -4.57
N PHE A 61 -1.53 12.27 -3.60
CA PHE A 61 -0.24 11.64 -3.71
C PHE A 61 0.07 10.92 -2.40
N LEU A 62 0.79 9.82 -2.52
CA LEU A 62 1.29 9.11 -1.36
C LEU A 62 2.78 9.37 -1.20
N ASP A 63 3.19 9.76 0.00
CA ASP A 63 4.62 9.77 0.26
C ASP A 63 5.09 8.34 0.60
N ARG A 64 6.34 8.22 0.97
CA ARG A 64 6.90 6.89 1.23
C ARG A 64 6.14 6.18 2.34
N GLN A 65 5.96 6.86 3.46
CA GLN A 65 5.24 6.26 4.58
C GLN A 65 3.86 5.82 4.14
N ASN A 66 3.14 6.71 3.43
CA ASN A 66 1.78 6.40 3.01
C ASN A 66 1.76 5.18 2.08
N PHE A 67 2.71 5.13 1.15
CA PHE A 67 2.76 4.04 0.20
C PHE A 67 3.14 2.74 0.89
N TYR A 68 4.10 2.80 1.81
CA TYR A 68 4.42 1.58 2.55
C TYR A 68 3.20 1.10 3.32
N ASN A 69 2.43 2.03 3.89
CA ASN A 69 1.20 1.62 4.57
C ASN A 69 0.20 1.02 3.60
N SER A 70 0.08 1.60 2.40
N SER A 70 0.11 1.56 2.38
CA SER A 70 -0.76 0.97 1.38
CA SER A 70 -0.81 0.93 1.41
C SER A 70 -0.32 -0.48 1.19
C SER A 70 -0.32 -0.46 1.06
N LEU A 71 0.99 -0.68 1.02
CA LEU A 71 1.53 -2.02 0.76
C LEU A 71 1.18 -2.97 1.90
N ARG A 72 1.25 -2.48 3.16
CA ARG A 72 0.89 -3.31 4.30
C ARG A 72 -0.58 -3.70 4.25
N LEU A 73 -1.45 -2.75 3.93
CA LEU A 73 -2.86 -3.07 3.82
C LEU A 73 -3.11 -4.06 2.69
N VAL A 74 -2.37 -3.92 1.58
CA VAL A 74 -2.48 -4.91 0.49
C VAL A 74 -2.09 -6.30 0.98
N THR A 75 -1.02 -6.43 1.74
CA THR A 75 -0.68 -7.73 2.30
C THR A 75 -1.81 -8.30 3.14
N VAL A 76 -2.38 -7.49 4.04
CA VAL A 76 -3.48 -7.98 4.86
C VAL A 76 -4.63 -8.45 3.97
N ALA A 77 -4.97 -7.67 2.94
CA ALA A 77 -6.05 -8.08 2.04
C ALA A 77 -5.69 -9.35 1.28
N GLN A 78 -4.42 -9.52 0.89
CA GLN A 78 -4.01 -10.75 0.22
C GLN A 78 -4.07 -11.96 1.15
N SER A 79 -3.99 -11.76 2.46
CA SER A 79 -4.15 -12.83 3.42
C SER A 79 -5.61 -13.17 3.63
N LYS A 80 -6.50 -12.50 2.90
CA LYS A 80 -7.94 -12.74 2.96
C LYS A 80 -8.52 -12.37 4.32
N ARG A 81 -7.89 -11.40 4.98
CA ARG A 81 -8.47 -10.78 6.16
C ARG A 81 -9.34 -9.62 5.73
N ASP A 82 -10.57 -9.58 6.23
CA ASP A 82 -11.42 -8.41 6.03
C ASP A 82 -10.81 -7.21 6.74
N LEU A 83 -10.71 -6.08 6.05
CA LEU A 83 -10.30 -4.86 6.73
C LEU A 83 -11.41 -4.48 7.69
N THR A 84 -11.05 -4.26 8.93
CA THR A 84 -11.93 -3.69 9.92
C THR A 84 -11.30 -2.41 10.44
N PRO A 85 -12.05 -1.56 11.12
CA PRO A 85 -11.42 -0.36 11.69
C PRO A 85 -10.25 -0.69 12.58
N GLU A 86 -10.28 -1.84 13.26
CA GLU A 86 -9.19 -2.20 14.17
C GLU A 86 -7.94 -2.60 13.39
N ILE A 87 -8.11 -3.40 12.34
N ILE A 87 -8.12 -3.39 12.34
CA ILE A 87 -7.00 -3.82 11.51
CA ILE A 87 -6.99 -3.83 11.51
C ILE A 87 -6.35 -2.63 10.83
C ILE A 87 -6.36 -2.64 10.81
N VAL A 88 -7.18 -1.72 10.30
CA VAL A 88 -6.67 -0.53 9.63
C VAL A 88 -5.84 0.30 10.60
N ASN A 89 -6.36 0.54 11.80
CA ASN A 89 -5.61 1.33 12.78
C ASN A 89 -4.34 0.60 13.19
N ALA A 90 -4.38 -0.73 13.27
CA ALA A 90 -3.19 -1.45 13.67
C ALA A 90 -2.08 -1.25 12.65
N ALA A 91 -2.42 -1.23 11.37
CA ALA A 91 -1.41 -1.07 10.32
C ALA A 91 -0.94 0.37 10.18
N LEU A 92 -1.78 1.34 10.51
CA LEU A 92 -1.50 2.74 10.24
C LEU A 92 -0.97 3.50 11.44
N ASN A 93 -1.24 3.02 12.66
CA ASN A 93 -0.99 3.83 13.85
C ASN A 93 -0.36 3.05 15.00
N THR A 94 0.11 1.82 14.80
CA THR A 94 0.67 1.03 15.88
C THR A 94 1.91 0.30 15.39
N PRO A 95 2.77 -0.17 16.30
CA PRO A 95 3.95 -0.94 15.87
C PRO A 95 3.62 -2.31 15.32
N ALA A 96 2.35 -2.73 15.35
CA ALA A 96 1.97 -3.96 14.63
C ALA A 96 2.31 -3.85 13.15
N ALA A 97 2.37 -2.62 12.64
CA ALA A 97 2.73 -2.42 11.24
C ALA A 97 4.05 -3.08 10.90
N ALA A 98 5.00 -3.05 11.85
CA ALA A 98 6.33 -3.59 11.59
C ALA A 98 6.31 -5.09 11.34
N LYS A 99 5.26 -5.79 11.75
CA LYS A 99 5.17 -7.23 11.57
C LYS A 99 4.54 -7.63 10.23
N ILE A 100 4.04 -6.68 9.46
CA ILE A 100 3.31 -6.99 8.24
C ILE A 100 4.31 -7.10 7.09
N PRO A 101 4.40 -8.26 6.43
CA PRO A 101 5.31 -8.41 5.29
C PRO A 101 4.92 -7.52 4.12
N PRO A 102 5.85 -7.25 3.21
CA PRO A 102 5.46 -6.63 1.96
C PRO A 102 4.61 -7.58 1.14
N PRO A 103 3.74 -7.06 0.29
CA PRO A 103 2.81 -7.89 -0.48
C PRO A 103 3.50 -8.53 -1.68
N LYS A 104 2.72 -9.38 -2.37
CA LYS A 104 3.13 -9.98 -3.63
C LYS A 104 2.50 -9.18 -4.77
N ILE A 105 3.33 -8.61 -5.63
CA ILE A 105 2.86 -7.76 -6.72
C ILE A 105 3.41 -8.29 -8.02
N ASN A 106 2.52 -8.70 -8.93
CA ASN A 106 2.90 -9.04 -10.31
C ASN A 106 3.40 -7.79 -11.03
N LEU A 107 4.61 -7.88 -11.58
CA LEU A 107 5.22 -6.71 -12.21
C LEU A 107 5.55 -7.03 -13.66
CA CA B . 5.54 9.79 -8.93
NA NA C . -1.15 12.74 0.27
#